data_8PHI
#
_entry.id   8PHI
#
_cell.length_a   88.640
_cell.length_b   88.640
_cell.length_c   194.980
_cell.angle_alpha   90.00
_cell.angle_beta   90.00
_cell.angle_gamma   120.00
#
_symmetry.space_group_name_H-M   'H 3'
#
loop_
_entity.id
_entity.type
_entity.pdbx_description
1 polymer 'Fusion glycoprotein F0'
2 non-polymer 4-{2-[4-(3,10-DIBROMO-8-CHLORO-6,11-DIHYDRO-5H-BENZO[5,6]CYCLOHEPTA[1,2-B]PYRIDIN-11-YL)PIPERIDIN-1-YL]-2-OXOETHYL}PIPERIDINE-1-CARBOXAMIDE
3 non-polymer 'SULFATE ION'
4 non-polymer 2-(2-METHOXYETHOXY)ETHANOL
5 non-polymer 'CALCIUM ION'
6 water water
#
_entity_poly.entity_id   1
_entity_poly.type   'polypeptide(L)'
_entity_poly.pdbx_seq_one_letter_code
;QNITEEFYQSTCSAVSKGYLSALRTGWYTSVITIELSNIKENKCNGTDAKVKLIKQELDKYKNAVTELQLLMQSTPATNN
RARRELPRFMNYTLNNAKKTNVTLSKKRKRRFLGFLLGVGSAIASGVAVCKVLHLEGEVNKIKSALLSTNKAVVSLSNGV
SVLTFKVLDLKNYIDKQLLPILNKQSCSISNIETVIEFQQKNNRLLEITREFSVNAGVTTPVSTYMLTNSELLSLINDMP
ITNDQKKLMSNNVQIVRQQSYSIMCIIKEEVLAYVVQLPLYGVIDTPCWKLHTSPLCTTNTKEGSNICLTRTDRGWYCDN
AGSVSFFPQAETCKVQSNRVFCDTMNSLTLPSEVNLCNVDIFNPKYDCKIMTSKTDVSSSVITSLGAIVSCYGKTKCTAS
NKNRGIIKTFSNGCDYVSNKGVDTVSVGNTLYYVNKQEGKSLYVKGEPIINFYDPLVFPSDEFDASISQVNEKINQSLAF
IRKSDELLSAIGGYIPEAPRDGQAYVRKDGEWVLLSTFLGGLVPRGSSAWSHPQFEKGGGSGGGSGGGSWSHPQFEK
;
_entity_poly.pdbx_strand_id   F
#
# COMPACT_ATOMS: atom_id res chain seq x y z
N GLN A 1 -11.43 -11.60 -13.56
CA GLN A 1 -12.30 -12.56 -14.26
C GLN A 1 -13.78 -12.13 -14.19
N ASN A 2 -14.26 -11.75 -12.99
CA ASN A 2 -15.70 -11.76 -12.71
C ASN A 2 -16.07 -10.60 -11.76
N ILE A 3 -15.79 -9.38 -12.21
CA ILE A 3 -16.05 -8.18 -11.41
C ILE A 3 -17.46 -7.70 -11.66
N THR A 4 -18.21 -7.42 -10.59
CA THR A 4 -19.55 -6.88 -10.67
C THR A 4 -19.68 -5.62 -9.81
N GLU A 5 -20.62 -4.74 -10.16
CA GLU A 5 -20.80 -3.52 -9.39
C GLU A 5 -22.27 -3.16 -9.19
N GLU A 6 -22.63 -2.65 -8.01
CA GLU A 6 -24.00 -2.24 -7.73
C GLU A 6 -23.98 -0.82 -7.26
N PHE A 7 -24.84 0.01 -7.83
CA PHE A 7 -24.98 1.39 -7.39
C PHE A 7 -26.27 1.50 -6.59
N TYR A 8 -26.22 2.20 -5.44
CA TYR A 8 -27.35 2.42 -4.52
C TYR A 8 -27.75 3.87 -4.58
N GLN A 9 -28.79 4.16 -5.36
CA GLN A 9 -29.31 5.51 -5.52
C GLN A 9 -29.74 6.15 -4.22
N SER A 10 -30.25 5.34 -3.30
CA SER A 10 -30.71 5.84 -2.02
C SER A 10 -29.59 6.32 -1.12
N THR A 11 -28.36 5.79 -1.28
CA THR A 11 -27.25 6.19 -0.39
C THR A 11 -26.06 6.78 -1.12
N CYS A 12 -26.17 7.03 -2.45
CA CYS A 12 -25.11 7.62 -3.26
C CYS A 12 -23.78 6.87 -3.07
N SER A 13 -23.86 5.55 -3.14
CA SER A 13 -22.70 4.71 -2.95
C SER A 13 -22.73 3.51 -3.88
N ALA A 14 -21.58 2.92 -4.14
CA ALA A 14 -21.48 1.76 -5.01
C ALA A 14 -20.53 0.71 -4.44
N VAL A 15 -20.79 -0.55 -4.72
CA VAL A 15 -19.94 -1.63 -4.25
C VAL A 15 -19.49 -2.46 -5.45
N SER A 16 -18.19 -2.76 -5.49
CA SER A 16 -17.53 -3.58 -6.51
C SER A 16 -17.17 -4.91 -5.86
N LYS A 17 -17.59 -6.03 -6.44
CA LYS A 17 -17.34 -7.38 -5.91
C LYS A 17 -16.59 -8.26 -6.94
N GLY A 18 -16.10 -9.40 -6.50
CA GLY A 18 -15.40 -10.33 -7.39
C GLY A 18 -13.90 -10.37 -7.20
N TYR A 19 -13.38 -9.55 -6.29
CA TYR A 19 -11.96 -9.49 -6.01
C TYR A 19 -11.58 -10.52 -5.00
N LEU A 20 -10.32 -10.97 -5.08
CA LEU A 20 -9.73 -11.96 -4.20
C LEU A 20 -8.61 -11.32 -3.40
N SER A 21 -8.46 -11.74 -2.13
CA SER A 21 -7.48 -11.13 -1.25
C SER A 21 -6.06 -11.63 -1.36
N ALA A 22 -5.13 -10.78 -0.93
CA ALA A 22 -3.71 -11.05 -0.78
C ALA A 22 -3.33 -10.01 0.26
N LEU A 23 -3.44 -10.36 1.55
CA LEU A 23 -3.22 -9.40 2.61
C LEU A 23 -1.90 -9.64 3.33
N ARG A 24 -1.10 -8.57 3.53
CA ARG A 24 0.12 -8.72 4.28
C ARG A 24 -0.27 -8.78 5.77
N THR A 25 -0.04 -9.93 6.39
CA THR A 25 -0.37 -10.16 7.79
C THR A 25 0.84 -10.23 8.69
N GLY A 26 1.98 -10.63 8.15
CA GLY A 26 3.20 -10.74 8.91
C GLY A 26 4.42 -10.38 8.09
N TRP A 27 5.59 -10.68 8.64
CA TRP A 27 6.85 -10.40 8.00
C TRP A 27 7.81 -11.57 8.12
N TYR A 28 8.64 -11.75 7.09
CA TYR A 28 9.70 -12.73 7.07
C TYR A 28 11.01 -11.96 6.85
N THR A 29 12.00 -12.07 7.75
CA THR A 29 13.26 -11.34 7.58
C THR A 29 14.44 -12.22 7.17
N SER A 30 15.08 -11.88 6.05
CA SER A 30 16.25 -12.61 5.56
C SER A 30 17.49 -11.70 5.63
N VAL A 31 18.66 -12.29 5.77
CA VAL A 31 19.91 -11.52 5.86
C VAL A 31 20.62 -11.64 4.53
N ILE A 32 20.91 -10.50 3.90
CA ILE A 32 21.55 -10.48 2.60
C ILE A 32 22.97 -10.00 2.80
N THR A 33 23.96 -10.73 2.29
CA THR A 33 25.38 -10.42 2.50
C THR A 33 26.18 -10.22 1.23
N ILE A 34 27.21 -9.39 1.36
CA ILE A 34 28.15 -9.11 0.29
C ILE A 34 29.53 -9.29 0.89
N GLU A 35 30.39 -10.06 0.23
CA GLU A 35 31.75 -10.27 0.71
C GLU A 35 32.63 -9.13 0.27
N LEU A 36 33.40 -8.61 1.19
CA LEU A 36 34.23 -7.46 0.93
C LEU A 36 35.72 -7.75 1.11
N SER A 37 36.54 -7.16 0.27
CA SER A 37 37.98 -7.22 0.42
C SER A 37 38.36 -6.19 1.50
N ASN A 38 39.27 -6.55 2.40
CA ASN A 38 39.71 -5.68 3.49
C ASN A 38 40.84 -4.73 3.09
N ILE A 39 41.02 -4.45 1.80
CA ILE A 39 42.09 -3.59 1.27
C ILE A 39 42.23 -2.23 1.96
N LYS A 40 43.46 -1.68 1.97
CA LYS A 40 43.71 -0.38 2.56
C LYS A 40 44.69 0.45 1.73
N GLU A 41 45.91 -0.05 1.49
CA GLU A 41 46.91 0.69 0.71
C GLU A 41 47.42 -0.12 -0.49
N ASN A 42 47.30 0.46 -1.70
CA ASN A 42 47.74 -0.21 -2.93
C ASN A 42 49.20 0.11 -3.31
N LYS A 43 49.89 -0.86 -3.95
CA LYS A 43 51.29 -0.70 -4.33
C LYS A 43 51.49 -0.22 -5.79
N CYS A 44 50.64 0.70 -6.26
CA CYS A 44 50.76 1.24 -7.61
C CYS A 44 50.65 2.76 -7.61
N ASP A 48 50.61 3.91 -15.96
CA ASP A 48 49.74 3.15 -16.87
C ASP A 48 48.30 3.68 -16.85
N ALA A 49 47.69 3.80 -18.03
CA ALA A 49 46.32 4.28 -18.18
C ALA A 49 45.32 3.27 -17.60
N LYS A 50 45.53 1.98 -17.86
CA LYS A 50 44.68 0.92 -17.33
C LYS A 50 44.80 0.75 -15.81
N VAL A 51 45.99 0.96 -15.24
CA VAL A 51 46.18 0.86 -13.79
C VAL A 51 45.54 2.07 -13.08
N LYS A 52 45.57 3.25 -13.71
CA LYS A 52 44.93 4.45 -13.16
C LYS A 52 43.41 4.22 -13.07
N LEU A 53 42.82 3.56 -14.09
CA LEU A 53 41.40 3.24 -14.09
C LEU A 53 41.06 2.24 -12.98
N ILE A 54 41.96 1.28 -12.69
CA ILE A 54 41.75 0.29 -11.62
C ILE A 54 41.84 0.97 -10.27
N LYS A 55 42.81 1.88 -10.10
CA LYS A 55 42.99 2.57 -8.83
C LYS A 55 41.83 3.53 -8.54
N GLN A 56 41.25 4.14 -9.58
CA GLN A 56 40.10 5.03 -9.40
C GLN A 56 38.87 4.18 -9.00
N GLU A 57 38.72 2.99 -9.61
CA GLU A 57 37.66 2.03 -9.28
C GLU A 57 37.84 1.49 -7.87
N LEU A 58 39.09 1.32 -7.42
CA LEU A 58 39.38 0.91 -6.06
C LEU A 58 39.02 2.01 -5.07
N ASP A 59 39.17 3.30 -5.45
CA ASP A 59 38.79 4.39 -4.57
C ASP A 59 37.28 4.41 -4.42
N LYS A 60 36.53 4.19 -5.53
CA LYS A 60 35.08 4.08 -5.52
C LYS A 60 34.65 2.96 -4.56
N TYR A 61 35.31 1.80 -4.64
CA TYR A 61 35.06 0.66 -3.76
C TYR A 61 35.34 1.04 -2.27
N LYS A 62 36.53 1.60 -1.98
CA LYS A 62 36.92 2.03 -0.63
C LYS A 62 35.99 3.09 0.00
N ASN A 63 35.56 4.08 -0.80
CA ASN A 63 34.66 5.12 -0.30
C ASN A 63 33.29 4.53 -0.01
N ALA A 64 32.80 3.59 -0.83
CA ALA A 64 31.49 2.96 -0.56
C ALA A 64 31.54 2.19 0.76
N VAL A 65 32.61 1.42 1.00
CA VAL A 65 32.79 0.65 2.23
C VAL A 65 32.83 1.60 3.42
N THR A 66 33.59 2.70 3.29
CA THR A 66 33.69 3.73 4.31
C THR A 66 32.32 4.38 4.59
N GLU A 67 31.58 4.74 3.54
CA GLU A 67 30.27 5.34 3.67
C GLU A 67 29.26 4.40 4.32
N LEU A 68 29.36 3.09 4.05
CA LEU A 68 28.48 2.11 4.69
C LEU A 68 28.84 1.91 6.17
N GLN A 69 30.13 2.05 6.53
CA GLN A 69 30.59 1.95 7.92
C GLN A 69 30.09 3.11 8.77
N LEU A 70 30.11 4.34 8.22
CA LEU A 70 29.59 5.52 8.90
C LEU A 70 28.08 5.40 9.02
N LEU A 71 27.40 4.90 7.97
CA LEU A 71 25.96 4.67 7.95
C LEU A 71 25.56 3.69 9.04
N MET A 72 26.38 2.65 9.29
CA MET A 72 26.12 1.60 10.27
C MET A 72 25.89 2.14 11.70
N GLN A 73 26.90 2.81 12.31
CA GLN A 73 26.69 3.35 13.66
C GLN A 73 25.90 4.66 13.56
N SER A 74 26.44 5.64 12.82
CA SER A 74 25.81 6.94 12.60
C SER A 74 26.64 7.75 11.64
N PHE A 112 -12.15 7.90 4.30
CA PHE A 112 -12.37 8.91 5.33
C PHE A 112 -11.92 8.46 6.70
N LEU A 113 -12.03 7.16 7.02
CA LEU A 113 -11.82 6.73 8.39
C LEU A 113 -10.42 6.31 8.78
N GLY A 114 -9.40 6.80 8.08
CA GLY A 114 -8.00 6.50 8.40
C GLY A 114 -7.58 6.97 9.79
N PHE A 115 -8.25 8.00 10.34
CA PHE A 115 -7.94 8.50 11.68
C PHE A 115 -8.29 7.47 12.79
N LEU A 116 -9.10 6.45 12.46
CA LEU A 116 -9.44 5.42 13.43
C LEU A 116 -8.37 4.34 13.55
N LEU A 117 -7.44 4.25 12.58
CA LEU A 117 -6.41 3.24 12.55
C LEU A 117 -5.40 3.36 13.67
N GLY A 118 -4.85 2.20 14.06
CA GLY A 118 -3.78 2.15 15.05
C GLY A 118 -2.46 2.58 14.44
N VAL A 119 -1.37 2.49 15.20
CA VAL A 119 -0.05 2.92 14.72
C VAL A 119 0.93 1.78 14.90
N GLY A 120 1.56 1.33 13.81
CA GLY A 120 2.56 0.26 13.88
C GLY A 120 3.97 0.79 13.85
N SER A 121 4.95 -0.11 13.89
CA SER A 121 6.36 0.25 13.74
C SER A 121 6.85 -0.70 12.66
N ALA A 122 6.62 -0.32 11.38
CA ALA A 122 6.81 -1.10 10.17
C ALA A 122 8.03 -1.99 10.10
N ILE A 123 9.20 -1.49 10.51
CA ILE A 123 10.42 -2.27 10.46
C ILE A 123 10.90 -2.78 11.81
N ALA A 124 10.02 -2.85 12.83
CA ALA A 124 10.44 -3.35 14.14
C ALA A 124 10.97 -4.77 14.06
N SER A 125 10.38 -5.61 13.19
CA SER A 125 10.84 -6.99 13.03
C SER A 125 12.22 -7.09 12.41
N GLY A 126 12.46 -6.40 11.29
CA GLY A 126 13.76 -6.44 10.63
C GLY A 126 14.85 -5.79 11.47
N VAL A 127 14.49 -4.70 12.19
CA VAL A 127 15.44 -4.01 13.06
C VAL A 127 15.81 -4.91 14.25
N ALA A 128 14.85 -5.74 14.74
CA ALA A 128 15.15 -6.65 15.84
C ALA A 128 16.16 -7.69 15.40
N VAL A 129 15.98 -8.27 14.20
CA VAL A 129 16.90 -9.25 13.61
C VAL A 129 18.29 -8.62 13.41
N CYS A 130 18.31 -7.39 12.91
CA CYS A 130 19.56 -6.66 12.74
C CYS A 130 20.31 -6.47 14.05
N LYS A 131 19.61 -6.12 15.15
CA LYS A 131 20.29 -5.92 16.44
C LYS A 131 21.02 -7.18 16.89
N VAL A 132 20.46 -8.36 16.60
CA VAL A 132 21.03 -9.66 16.93
C VAL A 132 22.35 -9.88 16.17
N LEU A 133 22.40 -9.47 14.89
CA LEU A 133 23.60 -9.57 14.06
C LEU A 133 24.79 -8.80 14.62
N HIS A 134 24.56 -7.82 15.51
CA HIS A 134 25.66 -7.07 16.10
C HIS A 134 26.34 -7.81 17.25
N LEU A 135 25.67 -8.80 17.85
CA LEU A 135 26.21 -9.61 18.93
C LEU A 135 27.44 -10.40 18.49
N GLU A 136 28.36 -10.65 19.43
CA GLU A 136 29.61 -11.35 19.15
C GLU A 136 29.41 -12.70 18.49
N GLY A 137 30.14 -12.91 17.40
CA GLY A 137 30.15 -14.15 16.62
C GLY A 137 29.06 -14.34 15.59
N GLU A 138 28.04 -13.48 15.57
CA GLU A 138 26.90 -13.66 14.67
C GLU A 138 27.26 -13.55 13.21
N VAL A 139 28.12 -12.57 12.87
CA VAL A 139 28.59 -12.35 11.51
C VAL A 139 29.48 -13.52 11.07
N ASN A 140 30.43 -13.95 11.94
CA ASN A 140 31.28 -15.10 11.59
C ASN A 140 30.49 -16.36 11.36
N LYS A 141 29.41 -16.54 12.11
CA LYS A 141 28.53 -17.68 11.96
C LYS A 141 27.91 -17.69 10.54
N ILE A 142 27.48 -16.53 10.05
CA ILE A 142 26.89 -16.41 8.71
C ILE A 142 27.96 -16.57 7.64
N LYS A 143 29.17 -16.03 7.89
CA LYS A 143 30.31 -16.13 6.98
C LYS A 143 30.73 -17.58 6.79
N SER A 144 30.68 -18.38 7.86
CA SER A 144 31.00 -19.80 7.82
C SER A 144 29.92 -20.56 7.08
N ALA A 145 28.64 -20.27 7.38
CA ALA A 145 27.54 -20.97 6.73
C ALA A 145 27.49 -20.70 5.24
N LEU A 146 27.84 -19.48 4.81
CA LEU A 146 27.81 -19.13 3.39
C LEU A 146 29.15 -19.30 2.67
N LEU A 147 30.14 -19.91 3.33
CA LEU A 147 31.49 -20.16 2.78
C LEU A 147 31.48 -20.78 1.38
N SER A 148 30.69 -21.85 1.18
CA SER A 148 30.64 -22.54 -0.11
C SER A 148 29.28 -22.59 -0.78
N THR A 149 28.22 -22.14 -0.08
CA THR A 149 26.89 -22.08 -0.68
C THR A 149 26.38 -20.63 -0.60
N ASN A 150 25.64 -20.18 -1.63
N ASN A 150 25.65 -20.17 -1.62
CA ASN A 150 25.11 -18.81 -1.68
CA ASN A 150 25.14 -18.80 -1.64
C ASN A 150 23.88 -18.60 -0.78
C ASN A 150 23.89 -18.59 -0.78
N LYS A 151 23.28 -19.68 -0.27
CA LYS A 151 22.09 -19.58 0.59
C LYS A 151 22.23 -20.57 1.72
N ALA A 152 21.84 -20.19 2.95
CA ALA A 152 21.91 -21.07 4.10
C ALA A 152 21.00 -20.58 5.22
N VAL A 153 20.28 -21.48 5.89
CA VAL A 153 19.46 -21.11 7.03
C VAL A 153 20.39 -21.12 8.24
N VAL A 154 20.45 -20.00 8.95
CA VAL A 154 21.33 -19.86 10.09
C VAL A 154 20.52 -19.61 11.34
N SER A 155 20.86 -20.28 12.44
CA SER A 155 20.19 -20.07 13.70
C SER A 155 20.98 -19.07 14.50
N LEU A 156 20.36 -17.94 14.78
CA LEU A 156 21.00 -16.89 15.55
C LEU A 156 21.06 -17.27 17.04
N SER A 157 21.81 -16.52 17.85
CA SER A 157 21.94 -16.79 19.28
C SER A 157 20.61 -16.71 20.06
N ASN A 158 19.59 -16.06 19.49
CA ASN A 158 18.29 -15.95 20.14
C ASN A 158 17.28 -17.06 19.76
N GLY A 159 17.74 -18.08 19.04
CA GLY A 159 16.86 -19.18 18.63
C GLY A 159 16.19 -19.00 17.29
N VAL A 160 16.15 -17.76 16.77
CA VAL A 160 15.51 -17.52 15.48
C VAL A 160 16.37 -18.03 14.32
N SER A 161 15.78 -18.82 13.43
CA SER A 161 16.48 -19.33 12.28
C SER A 161 16.09 -18.45 11.07
N VAL A 162 17.07 -17.87 10.40
CA VAL A 162 16.84 -16.98 9.26
C VAL A 162 17.49 -17.47 7.99
N LEU A 163 16.89 -17.14 6.87
CA LEU A 163 17.45 -17.46 5.56
C LEU A 163 18.54 -16.39 5.32
N THR A 164 19.75 -16.83 5.01
CA THR A 164 20.85 -15.92 4.71
C THR A 164 21.22 -16.13 3.25
N PHE A 165 21.56 -15.05 2.54
CA PHE A 165 21.86 -15.12 1.12
C PHE A 165 23.06 -14.25 0.86
N LYS A 166 24.07 -14.75 0.12
CA LYS A 166 25.21 -13.94 -0.28
C LYS A 166 24.95 -13.63 -1.73
N VAL A 167 24.85 -12.34 -2.07
CA VAL A 167 24.52 -11.97 -3.45
C VAL A 167 25.71 -11.52 -4.29
N LEU A 168 26.85 -11.24 -3.66
CA LEU A 168 28.00 -10.71 -4.37
C LEU A 168 29.27 -10.99 -3.58
N ASP A 169 30.34 -11.29 -4.31
CA ASP A 169 31.62 -11.57 -3.70
C ASP A 169 32.71 -10.71 -4.32
N LEU A 170 33.00 -9.59 -3.69
CA LEU A 170 34.08 -8.72 -4.13
C LEU A 170 35.41 -9.07 -3.43
N LYS A 171 35.39 -9.92 -2.39
CA LYS A 171 36.58 -10.33 -1.66
C LYS A 171 37.43 -11.20 -2.55
N ASN A 172 36.83 -12.21 -3.20
CA ASN A 172 37.62 -13.09 -4.06
C ASN A 172 38.01 -12.38 -5.33
N TYR A 173 37.13 -11.51 -5.87
CA TYR A 173 37.48 -10.79 -7.10
C TYR A 173 38.67 -9.86 -6.87
N ILE A 174 38.61 -8.98 -5.87
CA ILE A 174 39.69 -8.03 -5.63
C ILE A 174 40.97 -8.71 -5.14
N ASP A 175 40.89 -9.58 -4.11
CA ASP A 175 42.08 -10.22 -3.55
C ASP A 175 42.73 -11.33 -4.39
N LYS A 176 41.94 -12.12 -5.10
CA LYS A 176 42.51 -13.25 -5.84
C LYS A 176 42.45 -13.13 -7.36
N GLN A 177 41.81 -12.09 -7.90
CA GLN A 177 41.71 -11.96 -9.35
C GLN A 177 42.24 -10.62 -9.87
N LEU A 178 42.15 -9.56 -9.06
CA LEU A 178 42.61 -8.26 -9.47
C LEU A 178 44.00 -7.92 -8.93
N LEU A 179 44.20 -7.99 -7.59
CA LEU A 179 45.49 -7.70 -6.97
C LEU A 179 46.65 -8.58 -7.48
N PRO A 180 46.50 -9.92 -7.65
CA PRO A 180 47.64 -10.72 -8.16
C PRO A 180 48.04 -10.38 -9.59
N ILE A 181 47.11 -9.86 -10.40
CA ILE A 181 47.37 -9.42 -11.78
C ILE A 181 48.28 -8.17 -11.73
N LEU A 182 48.03 -7.26 -10.79
CA LEU A 182 48.82 -6.04 -10.64
C LEU A 182 50.24 -6.31 -10.13
N ASN A 183 50.44 -7.41 -9.40
CA ASN A 183 51.74 -7.77 -8.86
C ASN A 183 52.61 -8.48 -9.89
N LYS A 184 52.05 -9.48 -10.61
CA LYS A 184 52.76 -10.24 -11.65
C LYS A 184 53.16 -9.40 -12.87
N GLN A 185 52.47 -8.27 -13.10
CA GLN A 185 52.79 -7.39 -14.21
C GLN A 185 53.42 -6.06 -13.77
N SER A 186 53.85 -5.96 -12.49
CA SER A 186 54.51 -4.78 -11.91
C SER A 186 53.81 -3.46 -12.28
N CYS A 187 52.55 -3.33 -11.85
CA CYS A 187 51.68 -2.18 -12.11
C CYS A 187 51.40 -1.97 -13.62
N SER A 188 50.88 -3.02 -14.26
CA SER A 188 50.48 -3.02 -15.66
C SER A 188 49.21 -3.88 -15.79
N ILE A 189 48.20 -3.38 -16.52
CA ILE A 189 46.97 -4.14 -16.68
C ILE A 189 47.00 -4.92 -17.97
N SER A 190 47.37 -4.24 -19.09
CA SER A 190 47.44 -4.77 -20.47
C SER A 190 46.05 -5.04 -21.07
N ASN A 191 45.25 -5.87 -20.38
CA ASN A 191 43.90 -6.23 -20.77
C ASN A 191 42.91 -5.22 -20.24
N ILE A 192 42.33 -4.39 -21.12
CA ILE A 192 41.33 -3.39 -20.72
C ILE A 192 40.08 -4.06 -20.11
N GLU A 193 39.77 -5.31 -20.53
CA GLU A 193 38.67 -6.12 -20.03
C GLU A 193 38.71 -6.28 -18.51
N THR A 194 39.89 -6.15 -17.89
CA THR A 194 40.09 -6.23 -16.44
C THR A 194 39.40 -5.04 -15.76
N VAL A 195 39.53 -3.85 -16.35
CA VAL A 195 38.92 -2.61 -15.84
C VAL A 195 37.39 -2.75 -15.93
N ILE A 196 36.87 -3.13 -17.10
CA ILE A 196 35.45 -3.30 -17.30
C ILE A 196 34.86 -4.38 -16.40
N GLU A 197 35.57 -5.48 -16.20
CA GLU A 197 35.11 -6.56 -15.32
C GLU A 197 35.01 -6.09 -13.86
N PHE A 198 35.99 -5.29 -13.39
CA PHE A 198 35.94 -4.78 -12.02
C PHE A 198 34.79 -3.78 -11.89
N GLN A 199 34.65 -2.86 -12.87
CA GLN A 199 33.58 -1.87 -12.91
C GLN A 199 32.21 -2.53 -12.83
N GLN A 200 32.01 -3.65 -13.52
CA GLN A 200 30.75 -4.36 -13.50
C GLN A 200 30.48 -5.00 -12.13
N LYS A 201 31.51 -5.63 -11.52
CA LYS A 201 31.36 -6.27 -10.19
C LYS A 201 31.14 -5.25 -9.08
N ASN A 202 31.80 -4.10 -9.16
CA ASN A 202 31.72 -3.04 -8.16
C ASN A 202 30.41 -2.26 -8.21
N ASN A 203 29.86 -2.07 -9.42
CA ASN A 203 28.65 -1.27 -9.64
C ASN A 203 27.50 -1.57 -8.68
N ARG A 204 27.22 -2.84 -8.40
CA ARG A 204 26.13 -3.21 -7.51
C ARG A 204 26.32 -2.68 -6.11
N LEU A 205 27.55 -2.76 -5.60
CA LEU A 205 27.88 -2.26 -4.27
C LEU A 205 27.72 -0.73 -4.20
N LEU A 206 28.15 -0.02 -5.26
CA LEU A 206 28.04 1.43 -5.32
C LEU A 206 26.57 1.85 -5.38
N GLU A 207 25.72 1.07 -6.08
CA GLU A 207 24.31 1.42 -6.18
C GLU A 207 23.58 1.17 -4.86
N ILE A 208 23.90 0.05 -4.18
CA ILE A 208 23.35 -0.25 -2.86
C ILE A 208 23.76 0.84 -1.88
N THR A 209 25.01 1.26 -1.93
CA THR A 209 25.52 2.32 -1.05
C THR A 209 24.79 3.62 -1.34
N ARG A 210 24.61 3.99 -2.62
CA ARG A 210 23.91 5.21 -3.03
C ARG A 210 22.50 5.20 -2.48
N GLU A 211 21.79 4.06 -2.60
CA GLU A 211 20.43 3.91 -2.07
C GLU A 211 20.33 4.08 -0.57
N PHE A 212 21.18 3.38 0.20
CA PHE A 212 21.14 3.52 1.64
C PHE A 212 21.57 4.95 2.07
N SER A 213 22.44 5.62 1.27
CA SER A 213 22.92 6.99 1.58
C SER A 213 21.83 8.04 1.51
N VAL A 214 20.86 7.90 0.58
CA VAL A 214 19.76 8.86 0.45
C VAL A 214 18.48 8.44 1.18
N ASN A 215 18.49 7.29 1.88
CA ASN A 215 17.32 6.79 2.57
C ASN A 215 17.62 6.41 4.02
N ALA A 216 18.73 6.94 4.60
CA ALA A 216 19.15 6.67 5.98
C ALA A 216 19.14 5.17 6.32
N GLY A 217 19.70 4.35 5.43
CA GLY A 217 19.81 2.92 5.63
C GLY A 217 18.54 2.10 5.54
N VAL A 218 17.42 2.69 5.13
CA VAL A 218 16.15 1.98 5.03
C VAL A 218 15.48 2.29 3.70
N THR A 219 15.27 1.28 2.85
CA THR A 219 14.66 1.52 1.54
C THR A 219 13.40 0.71 1.33
N THR A 220 12.46 1.29 0.57
CA THR A 220 11.21 0.67 0.15
C THR A 220 10.66 1.50 -1.00
N PRO A 221 10.31 0.87 -2.14
CA PRO A 221 10.35 -0.58 -2.43
C PRO A 221 11.77 -1.14 -2.46
N VAL A 222 11.90 -2.47 -2.30
CA VAL A 222 13.22 -3.11 -2.37
C VAL A 222 13.62 -3.15 -3.85
N SER A 223 14.70 -2.49 -4.20
CA SER A 223 15.16 -2.39 -5.58
C SER A 223 15.87 -3.66 -6.07
N THR A 224 16.08 -3.75 -7.41
CA THR A 224 16.79 -4.85 -8.05
C THR A 224 18.26 -4.94 -7.61
N TYR A 225 18.85 -3.81 -7.18
CA TYR A 225 20.21 -3.76 -6.66
C TYR A 225 20.27 -4.45 -5.28
N MET A 226 19.24 -4.28 -4.45
CA MET A 226 19.19 -4.92 -3.13
C MET A 226 19.01 -6.41 -3.30
N LEU A 227 18.07 -6.77 -4.17
CA LEU A 227 17.71 -8.15 -4.46
C LEU A 227 17.26 -8.22 -5.91
N THR A 228 18.00 -8.95 -6.76
CA THR A 228 17.59 -9.13 -8.14
C THR A 228 16.33 -10.02 -8.18
N ASN A 229 15.64 -10.02 -9.31
CA ASN A 229 14.46 -10.84 -9.51
C ASN A 229 14.69 -12.33 -9.21
N SER A 230 15.79 -12.90 -9.67
CA SER A 230 16.09 -14.31 -9.41
C SER A 230 16.42 -14.55 -7.96
N GLU A 231 17.06 -13.57 -7.26
CA GLU A 231 17.36 -13.70 -5.83
C GLU A 231 16.08 -13.65 -5.01
N LEU A 232 15.14 -12.77 -5.38
CA LEU A 232 13.85 -12.66 -4.71
C LEU A 232 13.06 -13.95 -4.97
N LEU A 233 13.03 -14.43 -6.23
CA LEU A 233 12.32 -15.68 -6.57
C LEU A 233 12.90 -16.87 -5.82
N SER A 234 14.22 -16.91 -5.69
CA SER A 234 14.93 -17.95 -4.96
C SER A 234 14.59 -17.87 -3.47
N LEU A 235 14.50 -16.65 -2.91
CA LEU A 235 14.15 -16.42 -1.51
C LEU A 235 12.71 -16.90 -1.23
N ILE A 236 11.76 -16.53 -2.09
CA ILE A 236 10.35 -16.95 -1.96
C ILE A 236 10.26 -18.47 -2.02
N ASN A 237 11.01 -19.09 -2.93
CA ASN A 237 11.06 -20.54 -3.11
C ASN A 237 11.54 -21.30 -1.86
N ASP A 238 12.35 -20.64 -1.02
CA ASP A 238 12.84 -21.27 0.21
C ASP A 238 12.16 -20.78 1.50
N MET A 239 11.23 -19.82 1.39
CA MET A 239 10.52 -19.30 2.56
C MET A 239 9.62 -20.37 3.18
N PRO A 240 9.47 -20.36 4.52
CA PRO A 240 8.61 -21.37 5.18
C PRO A 240 7.12 -21.04 5.05
N ILE A 241 6.62 -21.03 3.81
CA ILE A 241 5.24 -20.71 3.44
C ILE A 241 4.66 -21.80 2.51
N THR A 242 3.34 -21.77 2.27
CA THR A 242 2.68 -22.76 1.43
C THR A 242 2.98 -22.58 -0.08
N ASN A 243 2.61 -23.56 -0.93
CA ASN A 243 2.78 -23.50 -2.37
C ASN A 243 1.90 -22.42 -3.00
N ASP A 244 0.71 -22.18 -2.45
CA ASP A 244 -0.17 -21.13 -2.95
C ASP A 244 0.43 -19.74 -2.65
N GLN A 245 1.09 -19.59 -1.49
CA GLN A 245 1.76 -18.36 -1.10
C GLN A 245 2.99 -18.13 -1.97
N LYS A 246 3.78 -19.20 -2.28
CA LYS A 246 4.94 -19.05 -3.14
C LYS A 246 4.51 -18.68 -4.56
N LYS A 247 3.43 -19.31 -5.04
CA LYS A 247 2.91 -19.02 -6.38
C LYS A 247 2.44 -17.57 -6.45
N LEU A 248 1.76 -17.09 -5.40
CA LEU A 248 1.25 -15.71 -5.35
C LEU A 248 2.38 -14.68 -5.34
N MET A 249 3.38 -14.91 -4.48
CA MET A 249 4.49 -14.00 -4.35
C MET A 249 5.31 -14.00 -5.66
N SER A 250 5.58 -15.20 -6.23
CA SER A 250 6.35 -15.36 -7.46
C SER A 250 5.65 -14.73 -8.66
N ASN A 251 4.31 -14.75 -8.69
CA ASN A 251 3.58 -14.11 -9.79
C ASN A 251 3.37 -12.63 -9.57
N ASN A 252 3.65 -12.09 -8.38
CA ASN A 252 3.49 -10.68 -8.10
C ASN A 252 4.73 -10.13 -7.42
N VAL A 253 5.92 -10.50 -7.94
CA VAL A 253 7.23 -10.05 -7.43
C VAL A 253 7.29 -8.53 -7.31
N GLN A 254 6.66 -7.81 -8.26
CA GLN A 254 6.61 -6.34 -8.26
C GLN A 254 5.80 -5.78 -7.09
N ILE A 255 4.76 -6.52 -6.61
CA ILE A 255 4.01 -6.07 -5.46
C ILE A 255 4.79 -6.41 -4.19
N VAL A 256 5.40 -7.62 -4.14
CA VAL A 256 6.27 -8.03 -3.04
C VAL A 256 7.40 -7.00 -2.81
N ARG A 257 8.01 -6.46 -3.88
CA ARG A 257 9.06 -5.45 -3.72
C ARG A 257 8.51 -4.20 -3.05
N GLN A 258 7.31 -3.78 -3.46
CA GLN A 258 6.65 -2.60 -2.93
C GLN A 258 6.29 -2.70 -1.47
N GLN A 259 5.98 -3.93 -1.02
CA GLN A 259 5.61 -4.22 0.36
C GLN A 259 6.78 -4.78 1.16
N SER A 260 8.03 -4.50 0.77
CA SER A 260 9.21 -5.02 1.45
C SER A 260 10.13 -3.86 1.87
N TYR A 261 11.02 -4.11 2.83
CA TYR A 261 12.01 -3.12 3.23
C TYR A 261 13.40 -3.73 3.16
N SER A 262 14.41 -2.88 2.96
CA SER A 262 15.79 -3.30 3.00
C SER A 262 16.41 -2.46 4.06
N ILE A 263 16.95 -3.08 5.09
CA ILE A 263 17.52 -2.36 6.23
C ILE A 263 19.01 -2.61 6.35
N MET A 264 19.80 -1.55 6.14
CA MET A 264 21.24 -1.57 6.27
C MET A 264 21.58 -1.92 7.72
N CYS A 265 22.38 -2.97 7.89
CA CYS A 265 22.59 -3.49 9.22
C CYS A 265 24.01 -3.38 9.78
N ILE A 266 24.97 -4.08 9.19
CA ILE A 266 26.32 -4.14 9.73
C ILE A 266 27.34 -4.36 8.63
N ILE A 267 28.52 -3.82 8.85
CA ILE A 267 29.63 -3.97 7.94
C ILE A 267 30.88 -4.23 8.80
N LYS A 268 31.30 -5.50 8.81
CA LYS A 268 32.45 -5.95 9.61
C LYS A 268 32.92 -7.32 9.19
N GLU A 269 34.20 -7.61 9.45
CA GLU A 269 34.81 -8.90 9.18
C GLU A 269 34.65 -9.31 7.72
N GLU A 270 34.87 -8.35 6.81
CA GLU A 270 34.75 -8.57 5.36
C GLU A 270 33.35 -8.93 4.91
N VAL A 271 32.34 -8.49 5.65
CA VAL A 271 30.94 -8.78 5.37
C VAL A 271 30.10 -7.50 5.45
N LEU A 272 29.33 -7.24 4.40
CA LEU A 272 28.31 -6.23 4.38
C LEU A 272 27.02 -7.04 4.54
N ALA A 273 26.18 -6.70 5.51
CA ALA A 273 24.91 -7.37 5.68
C ALA A 273 23.77 -6.37 5.74
N TYR A 274 22.64 -6.73 5.14
CA TYR A 274 21.42 -5.94 5.20
C TYR A 274 20.24 -6.88 5.33
N VAL A 275 19.21 -6.47 6.06
CA VAL A 275 18.03 -7.30 6.27
C VAL A 275 16.96 -6.95 5.26
N VAL A 276 16.44 -7.94 4.55
CA VAL A 276 15.32 -7.72 3.67
C VAL A 276 14.12 -8.30 4.36
N GLN A 277 13.19 -7.42 4.75
CA GLN A 277 11.96 -7.74 5.45
C GLN A 277 10.86 -7.90 4.37
N LEU A 278 10.43 -9.15 4.15
CA LEU A 278 9.48 -9.53 3.12
C LEU A 278 8.07 -9.75 3.66
N PRO A 279 7.04 -9.46 2.86
CA PRO A 279 5.67 -9.64 3.36
C PRO A 279 5.29 -11.10 3.49
N LEU A 280 4.41 -11.40 4.42
CA LEU A 280 3.85 -12.74 4.60
C LEU A 280 2.39 -12.54 4.31
N TYR A 281 1.89 -13.19 3.28
CA TYR A 281 0.50 -13.09 2.93
C TYR A 281 -0.24 -14.24 3.57
N GLY A 282 -0.58 -14.09 4.86
CA GLY A 282 -1.31 -15.09 5.61
C GLY A 282 -2.77 -15.23 5.23
N VAL A 283 -3.35 -14.22 4.56
CA VAL A 283 -4.73 -14.30 4.10
C VAL A 283 -4.78 -14.15 2.60
N ILE A 284 -5.18 -15.20 1.90
CA ILE A 284 -5.25 -15.19 0.44
C ILE A 284 -6.55 -15.86 -0.05
N ASP A 285 -7.08 -15.37 -1.19
CA ASP A 285 -8.21 -15.92 -1.93
C ASP A 285 -9.57 -15.80 -1.23
N THR A 286 -9.68 -14.88 -0.26
CA THR A 286 -10.95 -14.62 0.41
C THR A 286 -11.62 -13.45 -0.35
N PRO A 287 -12.96 -13.37 -0.39
CA PRO A 287 -13.60 -12.31 -1.20
C PRO A 287 -13.35 -10.91 -0.66
N CYS A 288 -13.20 -9.93 -1.57
CA CYS A 288 -13.00 -8.51 -1.29
C CYS A 288 -13.97 -7.67 -2.08
N TRP A 289 -14.35 -6.55 -1.50
CA TRP A 289 -15.23 -5.61 -2.15
C TRP A 289 -14.77 -4.18 -1.87
N LYS A 290 -14.96 -3.31 -2.86
CA LYS A 290 -14.58 -1.91 -2.69
C LYS A 290 -15.84 -1.07 -2.64
N LEU A 291 -15.96 -0.28 -1.59
CA LEU A 291 -17.10 0.60 -1.39
C LEU A 291 -16.69 2.04 -1.73
N HIS A 292 -17.41 2.63 -2.67
CA HIS A 292 -17.21 3.98 -3.19
C HIS A 292 -18.37 4.82 -2.71
N THR A 293 -18.11 6.00 -2.14
CA THR A 293 -19.20 6.83 -1.61
C THR A 293 -19.09 8.25 -2.15
N SER A 294 -20.19 8.97 -2.15
CA SER A 294 -20.24 10.32 -2.69
C SER A 294 -21.39 11.09 -1.99
N PRO A 295 -21.24 12.41 -1.82
CA PRO A 295 -22.29 13.18 -1.13
C PRO A 295 -23.69 13.11 -1.76
N LEU A 296 -24.69 12.92 -0.88
CA LEU A 296 -26.12 12.81 -1.19
C LEU A 296 -26.79 14.03 -0.57
N CYS A 297 -27.12 15.01 -1.42
CA CYS A 297 -27.75 16.24 -0.94
C CYS A 297 -29.14 16.43 -1.52
N THR A 298 -30.00 17.17 -0.80
CA THR A 298 -31.30 17.53 -1.34
C THR A 298 -31.06 18.56 -2.46
N THR A 299 -32.04 18.69 -3.37
CA THR A 299 -31.87 19.51 -4.56
C THR A 299 -32.79 20.72 -4.66
N ASN A 300 -33.16 21.30 -3.52
CA ASN A 300 -34.04 22.45 -3.50
C ASN A 300 -33.36 23.67 -4.11
N THR A 301 -34.13 24.47 -4.84
CA THR A 301 -33.70 25.67 -5.54
C THR A 301 -33.22 26.78 -4.61
N LYS A 302 -33.81 26.89 -3.40
CA LYS A 302 -33.44 27.93 -2.44
C LYS A 302 -32.00 27.74 -1.97
N GLU A 303 -31.13 28.72 -2.25
CA GLU A 303 -29.72 28.64 -1.84
C GLU A 303 -29.58 28.63 -0.32
N GLY A 304 -28.77 27.70 0.18
CA GLY A 304 -28.58 27.55 1.62
C GLY A 304 -29.69 26.78 2.32
N SER A 305 -30.53 26.07 1.56
CA SER A 305 -31.63 25.30 2.12
C SER A 305 -31.43 23.78 2.04
N ASN A 306 -30.27 23.33 1.52
CA ASN A 306 -30.03 21.93 1.30
C ASN A 306 -29.24 21.27 2.39
N ILE A 307 -29.49 19.98 2.60
CA ILE A 307 -28.78 19.17 3.58
C ILE A 307 -28.09 17.99 2.88
N CYS A 308 -26.99 17.49 3.46
CA CYS A 308 -26.20 16.41 2.88
C CYS A 308 -25.86 15.35 3.90
N LEU A 309 -25.73 14.13 3.39
CA LEU A 309 -25.16 13.02 4.09
C LEU A 309 -24.24 12.26 3.11
N THR A 310 -23.18 11.66 3.65
CA THR A 310 -22.26 10.88 2.86
C THR A 310 -21.89 9.68 3.67
N ARG A 311 -21.86 8.49 3.05
CA ARG A 311 -21.41 7.31 3.75
C ARG A 311 -19.87 7.47 3.92
N THR A 312 -19.36 7.46 5.16
CA THR A 312 -17.92 7.61 5.40
C THR A 312 -17.16 6.28 5.40
N ASP A 313 -17.86 5.15 5.28
CA ASP A 313 -17.24 3.84 5.32
C ASP A 313 -16.62 3.39 3.97
N ARG A 314 -16.28 4.33 3.07
CA ARG A 314 -15.62 3.97 1.80
C ARG A 314 -14.28 3.27 2.08
N GLY A 315 -13.90 2.36 1.20
CA GLY A 315 -12.65 1.64 1.33
C GLY A 315 -12.71 0.21 0.85
N TRP A 316 -11.64 -0.55 1.07
CA TRP A 316 -11.56 -1.95 0.69
C TRP A 316 -12.03 -2.82 1.84
N TYR A 317 -12.69 -3.93 1.53
CA TYR A 317 -13.23 -4.81 2.56
C TYR A 317 -12.90 -6.21 2.16
N CYS A 318 -12.20 -6.97 3.01
CA CYS A 318 -11.90 -8.37 2.69
C CYS A 318 -12.35 -9.27 3.79
N ASP A 319 -12.93 -10.44 3.45
CA ASP A 319 -13.27 -11.45 4.44
C ASP A 319 -11.96 -11.97 5.07
N ASN A 320 -11.93 -12.14 6.39
CA ASN A 320 -10.70 -12.57 7.06
C ASN A 320 -11.00 -13.14 8.45
N ALA A 321 -10.79 -14.46 8.64
CA ALA A 321 -10.97 -15.15 9.93
C ALA A 321 -12.33 -14.91 10.63
N GLY A 322 -13.41 -14.89 9.87
CA GLY A 322 -14.75 -14.67 10.43
C GLY A 322 -15.15 -13.23 10.63
N SER A 323 -14.24 -12.30 10.37
CA SER A 323 -14.47 -10.87 10.50
C SER A 323 -14.23 -10.23 9.12
N VAL A 324 -14.25 -8.90 9.04
CA VAL A 324 -13.94 -8.20 7.82
C VAL A 324 -12.80 -7.22 8.08
N SER A 325 -11.73 -7.35 7.30
CA SER A 325 -10.63 -6.41 7.38
C SER A 325 -11.07 -5.21 6.51
N PHE A 326 -11.19 -4.03 7.12
CA PHE A 326 -11.62 -2.82 6.44
C PHE A 326 -10.42 -1.90 6.26
N PHE A 327 -10.18 -1.50 5.01
CA PHE A 327 -9.06 -0.59 4.69
C PHE A 327 -9.64 0.75 4.25
N PRO A 328 -9.77 1.69 5.19
CA PRO A 328 -10.34 3.00 4.83
C PRO A 328 -9.66 3.75 3.69
N GLN A 329 -8.33 3.70 3.62
CA GLN A 329 -7.62 4.41 2.57
C GLN A 329 -7.39 3.40 1.45
N ALA A 330 -8.41 3.15 0.59
CA ALA A 330 -8.36 2.19 -0.52
C ALA A 330 -7.14 2.39 -1.45
N GLU A 331 -6.60 3.63 -1.48
CA GLU A 331 -5.41 4.02 -2.23
C GLU A 331 -4.15 3.31 -1.69
N THR A 332 -4.14 2.90 -0.40
CA THR A 332 -3.03 2.15 0.18
C THR A 332 -2.97 0.73 -0.41
N CYS A 333 -4.11 0.15 -0.77
CA CYS A 333 -4.15 -1.17 -1.40
C CYS A 333 -3.69 -1.08 -2.86
N LYS A 334 -3.22 -2.20 -3.41
CA LYS A 334 -2.83 -2.26 -4.81
C LYS A 334 -3.64 -3.36 -5.50
N VAL A 335 -4.23 -3.04 -6.66
CA VAL A 335 -5.03 -3.99 -7.44
C VAL A 335 -4.31 -4.46 -8.73
N GLN A 336 -4.15 -5.78 -8.90
CA GLN A 336 -3.55 -6.43 -10.06
C GLN A 336 -4.62 -7.37 -10.59
N SER A 337 -5.34 -7.00 -11.66
CA SER A 337 -6.47 -7.74 -12.22
C SER A 337 -7.57 -7.87 -11.13
N ASN A 338 -8.01 -9.08 -10.70
CA ASN A 338 -9.02 -9.18 -9.64
C ASN A 338 -8.39 -9.49 -8.29
N ARG A 339 -7.10 -9.19 -8.10
CA ARG A 339 -6.42 -9.47 -6.84
C ARG A 339 -6.12 -8.16 -6.11
N VAL A 340 -6.47 -8.09 -4.81
CA VAL A 340 -6.19 -6.86 -4.07
C VAL A 340 -5.22 -7.12 -2.92
N PHE A 341 -4.11 -6.41 -3.00
CA PHE A 341 -3.00 -6.46 -2.07
C PHE A 341 -3.19 -5.35 -1.06
N CYS A 342 -3.53 -5.71 0.16
CA CYS A 342 -3.71 -4.74 1.23
C CYS A 342 -2.81 -5.13 2.39
N ASP A 343 -2.60 -4.20 3.32
CA ASP A 343 -1.75 -4.44 4.49
C ASP A 343 -2.65 -4.33 5.72
N THR A 344 -2.65 -5.35 6.61
CA THR A 344 -3.51 -5.32 7.81
C THR A 344 -3.19 -4.14 8.73
N MET A 345 -1.95 -3.60 8.69
CA MET A 345 -1.60 -2.43 9.51
C MET A 345 -2.53 -1.23 9.18
N ASN A 346 -3.02 -1.15 7.92
CA ASN A 346 -3.94 -0.12 7.43
C ASN A 346 -5.40 -0.56 7.52
N SER A 347 -5.74 -1.50 8.44
CA SER A 347 -7.09 -2.01 8.57
C SER A 347 -7.71 -1.91 9.95
N LEU A 348 -9.04 -1.98 9.98
CA LEU A 348 -9.88 -2.09 11.16
C LEU A 348 -10.51 -3.48 11.06
N THR A 349 -10.63 -4.19 12.18
CA THR A 349 -11.27 -5.50 12.19
C THR A 349 -12.73 -5.26 12.61
N LEU A 350 -13.64 -5.49 11.67
CA LEU A 350 -15.04 -5.22 11.89
C LEU A 350 -15.87 -6.50 11.80
N PRO A 351 -17.04 -6.53 12.45
CA PRO A 351 -17.92 -7.72 12.29
C PRO A 351 -18.44 -7.75 10.86
N SER A 352 -18.64 -8.96 10.30
CA SER A 352 -19.13 -9.06 8.92
C SER A 352 -20.49 -8.34 8.68
N GLU A 353 -21.19 -7.96 9.77
CA GLU A 353 -22.44 -7.22 9.67
C GLU A 353 -22.26 -5.83 9.02
N VAL A 354 -21.00 -5.31 8.90
CA VAL A 354 -20.74 -4.02 8.25
C VAL A 354 -21.29 -4.02 6.80
N ASN A 355 -21.33 -5.19 6.14
CA ASN A 355 -21.84 -5.29 4.78
C ASN A 355 -23.34 -4.97 4.70
N LEU A 356 -24.10 -5.16 5.79
CA LEU A 356 -25.53 -4.85 5.82
C LEU A 356 -25.81 -3.38 5.47
N CYS A 357 -24.82 -2.50 5.61
CA CYS A 357 -24.95 -1.09 5.21
C CYS A 357 -25.15 -0.92 3.69
N ASN A 358 -24.71 -1.91 2.91
CA ASN A 358 -24.90 -1.98 1.47
C ASN A 358 -26.24 -2.67 1.12
N VAL A 359 -26.95 -3.25 2.08
CA VAL A 359 -28.22 -3.92 1.85
C VAL A 359 -29.35 -2.97 2.27
N ASP A 360 -29.22 -2.41 3.48
CA ASP A 360 -30.16 -1.49 4.08
C ASP A 360 -29.39 -0.67 5.14
N ILE A 361 -29.12 0.59 4.84
CA ILE A 361 -28.37 1.46 5.73
C ILE A 361 -29.08 1.70 7.09
N PHE A 362 -30.40 1.45 7.16
CA PHE A 362 -31.14 1.60 8.42
C PHE A 362 -31.32 0.29 9.20
N ASN A 363 -30.55 -0.77 8.85
N ASN A 363 -30.55 -0.77 8.85
CA ASN A 363 -30.60 -2.08 9.50
CA ASN A 363 -30.60 -2.08 9.50
C ASN A 363 -30.34 -2.01 11.03
C ASN A 363 -30.34 -2.01 11.03
N PRO A 364 -30.88 -2.94 11.83
CA PRO A 364 -30.68 -2.86 13.28
C PRO A 364 -29.44 -3.55 13.83
N LYS A 365 -28.78 -4.40 13.02
CA LYS A 365 -27.60 -5.15 13.47
C LYS A 365 -26.30 -4.35 13.46
N TYR A 366 -26.15 -3.40 12.54
CA TYR A 366 -24.92 -2.63 12.44
C TYR A 366 -25.20 -1.18 12.26
N ASP A 367 -24.55 -0.33 13.07
CA ASP A 367 -24.71 1.12 12.98
C ASP A 367 -23.80 1.74 11.92
N CYS A 368 -24.37 1.97 10.73
CA CYS A 368 -23.68 2.47 9.55
C CYS A 368 -23.10 3.85 9.70
N LYS A 369 -21.85 4.04 9.24
CA LYS A 369 -21.17 5.33 9.40
C LYS A 369 -21.48 6.28 8.29
N ILE A 370 -21.79 7.51 8.67
CA ILE A 370 -22.12 8.59 7.75
C ILE A 370 -21.53 9.91 8.29
N MET A 371 -21.46 10.92 7.46
CA MET A 371 -21.13 12.27 7.88
C MET A 371 -22.24 13.18 7.33
N THR A 372 -22.53 14.26 8.04
CA THR A 372 -23.54 15.22 7.60
C THR A 372 -22.91 16.58 7.33
N SER A 373 -23.57 17.37 6.49
CA SER A 373 -23.10 18.71 6.13
C SER A 373 -24.18 19.48 5.36
N LYS A 374 -23.89 20.72 5.02
CA LYS A 374 -24.76 21.51 4.14
C LYS A 374 -23.93 22.03 2.93
N THR A 375 -22.84 21.32 2.57
CA THR A 375 -21.92 21.67 1.50
C THR A 375 -22.26 20.82 0.30
N ASP A 376 -23.18 21.34 -0.52
CA ASP A 376 -23.61 20.64 -1.72
C ASP A 376 -22.74 21.04 -2.91
N VAL A 377 -21.47 20.64 -2.88
CA VAL A 377 -20.58 20.87 -4.02
C VAL A 377 -20.68 19.68 -4.96
N SER A 378 -20.37 19.92 -6.22
CA SER A 378 -20.41 18.89 -7.22
C SER A 378 -19.09 18.17 -7.35
N SER A 379 -19.15 16.84 -7.47
CA SER A 379 -17.97 16.02 -7.62
C SER A 379 -18.38 14.66 -8.23
N SER A 380 -17.39 13.84 -8.60
CA SER A 380 -17.65 12.51 -9.11
C SER A 380 -16.66 11.55 -8.49
N VAL A 381 -17.08 10.31 -8.29
CA VAL A 381 -16.22 9.24 -7.79
C VAL A 381 -16.17 8.18 -8.88
N ILE A 382 -14.99 7.98 -9.47
CA ILE A 382 -14.82 6.97 -10.49
C ILE A 382 -14.72 5.63 -9.79
N THR A 383 -15.63 4.71 -10.10
CA THR A 383 -15.66 3.40 -9.44
C THR A 383 -14.88 2.35 -10.29
N SER A 384 -14.97 1.04 -9.93
CA SER A 384 -14.30 0.01 -10.70
C SER A 384 -14.90 -0.13 -12.10
N LEU A 385 -16.24 -0.07 -12.19
CA LEU A 385 -16.96 -0.28 -13.45
C LEU A 385 -17.81 0.90 -13.89
N GLY A 386 -17.65 2.08 -13.31
CA GLY A 386 -18.44 3.22 -13.73
C GLY A 386 -18.08 4.54 -13.07
N ALA A 387 -19.10 5.31 -12.75
CA ALA A 387 -18.92 6.63 -12.16
C ALA A 387 -20.16 7.09 -11.39
N ILE A 388 -19.94 7.51 -10.15
CA ILE A 388 -20.97 8.10 -9.34
C ILE A 388 -20.83 9.61 -9.58
N VAL A 389 -21.93 10.32 -9.84
CA VAL A 389 -21.90 11.75 -10.06
C VAL A 389 -22.78 12.45 -9.06
N SER A 390 -22.22 13.38 -8.28
CA SER A 390 -23.00 14.17 -7.35
C SER A 390 -23.10 15.55 -7.99
N CYS A 391 -24.24 15.87 -8.62
CA CYS A 391 -24.41 17.13 -9.33
C CYS A 391 -25.33 18.07 -8.61
N TYR A 392 -24.80 19.19 -8.09
CA TYR A 392 -25.63 20.15 -7.36
C TYR A 392 -25.52 21.55 -7.94
N GLY A 393 -26.48 22.40 -7.59
CA GLY A 393 -26.51 23.78 -8.03
C GLY A 393 -26.62 23.95 -9.54
N LYS A 394 -25.88 24.92 -10.07
CA LYS A 394 -25.89 25.23 -11.50
C LYS A 394 -24.80 24.51 -12.30
N THR A 395 -24.14 23.51 -11.70
CA THR A 395 -23.04 22.76 -12.31
C THR A 395 -23.46 21.91 -13.49
N LYS A 396 -22.66 21.93 -14.56
CA LYS A 396 -22.89 21.13 -15.76
C LYS A 396 -22.23 19.76 -15.55
N CYS A 397 -23.02 18.68 -15.42
CA CYS A 397 -22.47 17.34 -15.25
C CYS A 397 -22.94 16.46 -16.39
N THR A 398 -22.00 15.85 -17.11
CA THR A 398 -22.29 15.01 -18.28
C THR A 398 -21.46 13.72 -18.25
N ALA A 399 -21.83 12.74 -19.10
CA ALA A 399 -21.11 11.50 -19.34
C ALA A 399 -20.99 11.43 -20.86
N SER A 400 -19.78 11.14 -21.37
CA SER A 400 -19.49 11.14 -22.79
C SER A 400 -18.96 9.81 -23.33
N ASN A 401 -18.89 9.74 -24.65
CA ASN A 401 -18.47 8.64 -25.51
C ASN A 401 -17.37 9.21 -26.45
N LYS A 402 -16.41 8.37 -26.86
CA LYS A 402 -15.36 8.82 -27.79
C LYS A 402 -15.91 8.98 -29.23
N ASN A 403 -16.96 8.22 -29.58
CA ASN A 403 -17.53 8.29 -30.93
C ASN A 403 -18.68 9.28 -31.03
N ARG A 404 -19.49 9.43 -29.97
CA ARG A 404 -20.67 10.29 -30.03
C ARG A 404 -20.66 11.55 -29.16
N GLY A 405 -19.60 11.77 -28.39
CA GLY A 405 -19.56 12.91 -27.48
C GLY A 405 -20.51 12.74 -26.32
N ILE A 406 -21.14 13.83 -25.85
CA ILE A 406 -22.09 13.77 -24.75
C ILE A 406 -23.26 12.83 -25.01
N ILE A 407 -23.47 11.85 -24.13
CA ILE A 407 -24.56 10.88 -24.23
C ILE A 407 -25.53 10.94 -23.03
N LYS A 408 -25.27 11.82 -22.05
CA LYS A 408 -26.13 11.95 -20.88
C LYS A 408 -25.84 13.24 -20.17
N THR A 409 -26.88 13.97 -19.81
CA THR A 409 -26.74 15.20 -19.05
C THR A 409 -27.38 14.90 -17.72
N PHE A 410 -26.57 14.83 -16.67
CA PHE A 410 -27.08 14.53 -15.34
C PHE A 410 -27.96 15.64 -14.83
N SER A 411 -28.97 15.25 -14.07
CA SER A 411 -29.86 16.16 -13.39
C SER A 411 -29.27 16.37 -11.99
N ASN A 412 -29.82 17.33 -11.21
CA ASN A 412 -29.34 17.55 -9.86
C ASN A 412 -29.59 16.34 -8.98
N GLY A 413 -28.64 16.05 -8.12
CA GLY A 413 -28.71 14.89 -7.23
C GLY A 413 -27.56 13.93 -7.49
N CYS A 414 -27.65 12.73 -6.93
CA CYS A 414 -26.63 11.71 -7.10
C CYS A 414 -27.10 10.59 -8.02
N ASP A 415 -26.44 10.47 -9.17
CA ASP A 415 -26.73 9.49 -10.21
C ASP A 415 -25.47 8.64 -10.55
N TYR A 416 -25.61 7.64 -11.42
CA TYR A 416 -24.51 6.77 -11.78
C TYR A 416 -24.57 6.32 -13.21
N VAL A 417 -23.41 6.13 -13.83
CA VAL A 417 -23.32 5.55 -15.16
C VAL A 417 -22.31 4.42 -15.11
N SER A 418 -22.51 3.40 -15.94
CA SER A 418 -21.56 2.31 -16.04
C SER A 418 -20.52 2.68 -17.12
N ASN A 419 -19.42 1.92 -17.19
CA ASN A 419 -18.39 2.15 -18.21
C ASN A 419 -18.78 1.58 -19.61
N LYS A 420 -19.96 0.94 -19.72
CA LYS A 420 -20.45 0.41 -20.99
C LYS A 420 -20.98 1.62 -21.77
N GLY A 421 -20.35 1.96 -22.89
CA GLY A 421 -20.78 3.11 -23.67
C GLY A 421 -20.26 4.44 -23.18
N VAL A 422 -19.71 4.50 -21.94
CA VAL A 422 -19.19 5.74 -21.37
C VAL A 422 -17.67 5.64 -21.29
N ASP A 423 -16.98 6.70 -21.69
CA ASP A 423 -15.52 6.76 -21.68
C ASP A 423 -15.01 7.80 -20.68
N THR A 424 -15.74 8.91 -20.54
CA THR A 424 -15.43 10.01 -19.66
C THR A 424 -16.72 10.57 -19.00
N VAL A 425 -16.54 11.24 -17.88
CA VAL A 425 -17.57 11.92 -17.13
C VAL A 425 -16.99 13.33 -16.84
N SER A 426 -17.81 14.37 -16.91
CA SER A 426 -17.35 15.73 -16.66
C SER A 426 -18.24 16.36 -15.62
N VAL A 427 -17.66 16.91 -14.56
CA VAL A 427 -18.41 17.55 -13.51
C VAL A 427 -17.82 18.94 -13.41
N GLY A 428 -18.52 19.90 -13.99
CA GLY A 428 -18.03 21.27 -14.03
C GLY A 428 -16.85 21.34 -14.99
N ASN A 429 -15.73 21.87 -14.52
CA ASN A 429 -14.50 21.97 -15.30
C ASN A 429 -13.57 20.75 -15.13
N THR A 430 -14.02 19.68 -14.47
CA THR A 430 -13.20 18.50 -14.26
C THR A 430 -13.65 17.32 -15.11
N LEU A 431 -12.75 16.82 -15.94
CA LEU A 431 -13.03 15.67 -16.77
C LEU A 431 -12.32 14.46 -16.19
N TYR A 432 -13.06 13.38 -16.02
CA TYR A 432 -12.58 12.13 -15.47
C TYR A 432 -12.70 11.04 -16.53
N TYR A 433 -11.66 10.23 -16.72
CA TYR A 433 -11.76 9.06 -17.55
C TYR A 433 -12.28 7.94 -16.63
N VAL A 434 -13.18 7.11 -17.13
CA VAL A 434 -13.68 5.97 -16.35
C VAL A 434 -12.80 4.75 -16.62
N ASN A 435 -12.72 3.81 -15.68
CA ASN A 435 -11.99 2.57 -15.88
C ASN A 435 -12.70 1.76 -16.97
N LYS A 436 -11.95 1.05 -17.84
CA LYS A 436 -12.57 0.27 -18.90
C LYS A 436 -12.51 -1.25 -18.66
N GLN A 437 -12.34 -1.68 -17.42
CA GLN A 437 -12.34 -3.10 -17.05
C GLN A 437 -13.70 -3.71 -17.38
N GLU A 438 -13.72 -4.88 -18.01
CA GLU A 438 -14.97 -5.56 -18.34
C GLU A 438 -15.67 -6.10 -17.08
N GLY A 439 -16.95 -5.79 -16.99
CA GLY A 439 -17.76 -6.23 -15.87
C GLY A 439 -19.22 -5.96 -16.08
N LYS A 440 -20.04 -6.40 -15.13
CA LYS A 440 -21.48 -6.20 -15.19
C LYS A 440 -21.87 -5.30 -14.04
N SER A 441 -22.54 -4.18 -14.32
CA SER A 441 -22.99 -3.29 -13.26
C SER A 441 -24.52 -3.21 -13.18
N LEU A 442 -25.08 -3.07 -11.96
CA LEU A 442 -26.51 -3.02 -11.69
C LEU A 442 -26.88 -1.72 -10.97
N TYR A 443 -27.90 -1.03 -11.48
CA TYR A 443 -28.39 0.21 -10.89
C TYR A 443 -29.58 -0.14 -10.00
N VAL A 444 -29.40 0.01 -8.68
CA VAL A 444 -30.45 -0.25 -7.70
C VAL A 444 -31.15 1.07 -7.38
N LYS A 445 -32.33 1.29 -7.99
CA LYS A 445 -33.13 2.51 -7.81
C LYS A 445 -33.63 2.63 -6.37
N GLY A 446 -33.87 3.86 -5.94
CA GLY A 446 -34.35 4.12 -4.60
C GLY A 446 -34.33 5.59 -4.30
N GLU A 447 -35.24 6.05 -3.46
CA GLU A 447 -35.32 7.44 -3.10
C GLU A 447 -34.16 7.84 -2.20
N PRO A 448 -33.47 8.95 -2.51
CA PRO A 448 -32.38 9.43 -1.63
C PRO A 448 -32.78 9.49 -0.16
N ILE A 449 -32.02 8.81 0.72
CA ILE A 449 -32.38 8.77 2.15
C ILE A 449 -32.37 10.16 2.79
N ILE A 450 -31.66 11.14 2.19
CA ILE A 450 -31.65 12.52 2.69
C ILE A 450 -33.06 13.20 2.66
N ASN A 451 -33.97 12.66 1.82
CA ASN A 451 -35.34 13.16 1.69
C ASN A 451 -36.19 12.89 2.93
N PHE A 452 -35.86 11.85 3.71
CA PHE A 452 -36.62 11.50 4.92
C PHE A 452 -36.13 12.19 6.19
N TYR A 453 -35.28 13.21 6.06
CA TYR A 453 -34.75 13.94 7.21
C TYR A 453 -35.34 15.30 7.23
N ASP A 454 -35.83 15.72 8.41
CA ASP A 454 -36.40 17.04 8.60
C ASP A 454 -35.24 18.03 8.62
N PRO A 455 -35.13 18.89 7.59
CA PRO A 455 -34.02 19.87 7.57
C PRO A 455 -33.97 20.82 8.74
N LEU A 456 -35.11 21.04 9.41
CA LEU A 456 -35.18 21.92 10.56
C LEU A 456 -34.38 21.35 11.72
N VAL A 457 -34.46 20.04 11.97
CA VAL A 457 -33.74 19.43 13.09
C VAL A 457 -32.58 18.53 12.68
N PHE A 458 -32.05 18.68 11.46
CA PHE A 458 -30.94 17.87 10.98
C PHE A 458 -29.60 18.27 11.59
N PRO A 459 -28.87 17.33 12.24
CA PRO A 459 -27.55 17.68 12.77
C PRO A 459 -26.61 17.74 11.58
N SER A 460 -26.36 18.93 11.06
CA SER A 460 -25.63 19.12 9.82
C SER A 460 -24.11 19.36 9.90
N ASP A 461 -23.45 19.05 11.01
CA ASP A 461 -21.98 19.22 11.04
C ASP A 461 -21.31 18.09 11.80
N GLU A 462 -21.79 16.87 11.58
CA GLU A 462 -21.25 15.69 12.20
C GLU A 462 -20.29 14.99 11.25
N PHE A 463 -19.12 14.56 11.74
CA PHE A 463 -18.16 13.86 10.90
C PHE A 463 -17.99 12.39 11.29
N ASP A 464 -17.66 12.13 12.56
CA ASP A 464 -17.51 10.75 13.02
C ASP A 464 -18.88 10.29 13.53
N ALA A 465 -19.93 10.56 12.74
CA ALA A 465 -21.31 10.24 13.05
C ALA A 465 -21.74 8.87 12.47
N SER A 466 -22.95 8.40 12.80
CA SER A 466 -23.51 7.17 12.27
C SER A 466 -25.03 7.34 12.13
N ILE A 467 -25.74 6.35 11.57
CA ILE A 467 -27.19 6.43 11.42
C ILE A 467 -27.89 6.65 12.82
N SER A 468 -27.45 5.88 13.84
CA SER A 468 -28.00 5.99 15.19
C SER A 468 -27.65 7.29 15.89
N GLN A 469 -26.40 7.78 15.70
CA GLN A 469 -25.98 9.03 16.32
C GLN A 469 -26.76 10.19 15.77
N VAL A 470 -26.97 10.21 14.44
CA VAL A 470 -27.76 11.26 13.81
C VAL A 470 -29.22 11.20 14.32
N ASN A 471 -29.78 9.99 14.46
CA ASN A 471 -31.14 9.80 14.96
C ASN A 471 -31.28 10.24 16.44
N GLU A 472 -30.27 10.00 17.25
CA GLU A 472 -30.24 10.39 18.66
C GLU A 472 -30.22 11.92 18.82
N LYS A 473 -29.46 12.64 17.99
CA LYS A 473 -29.45 14.10 18.01
C LYS A 473 -30.78 14.67 17.52
N ILE A 474 -31.43 14.00 16.55
CA ILE A 474 -32.74 14.41 16.05
C ILE A 474 -33.79 14.25 17.14
N ASN A 475 -33.70 13.15 17.94
CA ASN A 475 -34.62 12.89 19.04
C ASN A 475 -34.49 13.93 20.14
N GLN A 476 -33.27 14.37 20.45
CA GLN A 476 -33.03 15.40 21.46
C GLN A 476 -33.67 16.70 21.01
N SER A 477 -33.53 17.05 19.72
CA SER A 477 -34.10 18.28 19.19
C SER A 477 -35.61 18.24 19.22
N LEU A 478 -36.20 17.09 18.89
CA LEU A 478 -37.65 16.94 18.90
C LEU A 478 -38.20 16.95 20.34
N ALA A 479 -37.47 16.35 21.29
CA ALA A 479 -37.88 16.31 22.69
C ALA A 479 -37.81 17.69 23.33
N PHE A 480 -36.82 18.52 22.93
CA PHE A 480 -36.72 19.89 23.45
C PHE A 480 -37.91 20.75 22.96
N ILE A 481 -38.43 20.46 21.76
CA ILE A 481 -39.59 21.16 21.20
C ILE A 481 -40.86 20.66 21.91
N ARG A 482 -40.95 19.35 22.18
CA ARG A 482 -42.05 18.69 22.87
C ARG A 482 -42.27 19.29 24.27
N LYS A 483 -41.18 19.44 25.05
CA LYS A 483 -41.25 20.00 26.39
C LYS A 483 -41.54 21.49 26.41
N SER A 484 -41.12 22.22 25.37
CA SER A 484 -41.38 23.65 25.29
C SER A 484 -42.87 23.87 24.99
N ASP A 485 -43.41 23.08 24.04
CA ASP A 485 -44.83 23.15 23.67
C ASP A 485 -45.77 22.58 24.76
N GLU A 486 -45.26 21.69 25.62
CA GLU A 486 -46.03 21.16 26.74
C GLU A 486 -46.20 22.29 27.79
N LEU A 487 -45.15 23.11 27.98
CA LEU A 487 -45.16 24.24 28.91
C LEU A 487 -46.04 25.36 28.38
N LEU A 488 -46.07 25.57 27.05
CA LEU A 488 -46.92 26.60 26.45
C LEU A 488 -48.42 26.25 26.55
N SER A 489 -48.74 24.96 26.71
CA SER A 489 -50.12 24.49 26.88
C SER A 489 -50.51 24.67 28.35
N ALA A 490 -49.61 24.29 29.27
CA ALA A 490 -49.80 24.41 30.72
C ALA A 490 -49.88 25.87 31.17
N ILE A 491 -49.17 26.77 30.46
CA ILE A 491 -49.19 28.20 30.77
C ILE A 491 -50.50 28.90 30.32
N GLY A 492 -51.32 28.23 29.52
CA GLY A 492 -52.59 28.79 29.07
C GLY A 492 -53.68 28.63 30.12
N GLY A 493 -53.45 29.19 31.30
CA GLY A 493 -54.38 29.13 32.42
C GLY A 493 -53.72 29.50 33.73
#